data_7UBL
#
_entry.id   7UBL
#
_cell.length_a   131.102
_cell.length_b   131.102
_cell.length_c   49.545
_cell.angle_alpha   90.000
_cell.angle_beta   90.000
_cell.angle_gamma   90.000
#
_symmetry.space_group_name_H-M   'P 41 21 2'
#
loop_
_entity.id
_entity.type
_entity.pdbx_description
1 polymer 'Antitermination protein Q'
2 polymer "DNA (5'-D(P*CP*AP*CP*CP*CP*AP*AP*TP*TP*TP*TP*AP*TP*TP*CP*AP*AP*TP*G)-3')"
3 polymer "DNA (5'-D(P*CP*AP*TP*TP*GP*AP*AP*TP*AP*AP*AP*AP*TP*TP*GP*GP*GP*TP*G)-3')"
4 non-polymer 'ZINC ION'
5 non-polymer 1,2-ETHANEDIOL
6 water water
#
loop_
_entity_poly.entity_id
_entity_poly.type
_entity_poly.pdbx_seq_one_letter_code
_entity_poly.pdbx_strand_id
1 'polypeptide(L)'
;SDKQKAINYLMQFAHKVSGKYRGVAKLEGNTKAKVLQVLATFAYADYCRSAATPGARCRDCHGTGRAVDIAKTKLWGRVV
EKECGRCKGVGYSRMPASAAYRAVTMLIPNLTQPTWSRTVKPLYDALVVQCHKEESIADNILNAVTR
;
A
2 'polydeoxyribonucleotide' (DC)(DA)(DC)(DC)(DC)(DA)(DA)(DT)(DT)(DT)(DT)(DA)(DT)(DT)(DC)(DA)(DA)(DT)(DG) B
3 'polydeoxyribonucleotide' (DC)(DA)(DT)(DT)(DG)(DA)(DA)(DT)(DA)(DA)(DA)(DA)(DT)(DT)(DG)(DG)(DG)(DT)(DG) C
#
loop_
_chem_comp.id
_chem_comp.type
_chem_comp.name
_chem_comp.formula
DA DNA linking 2'-DEOXYADENOSINE-5'-MONOPHOSPHATE 'C10 H14 N5 O6 P'
DC DNA linking 2'-DEOXYCYTIDINE-5'-MONOPHOSPHATE 'C9 H14 N3 O7 P'
DG DNA linking 2'-DEOXYGUANOSINE-5'-MONOPHOSPHATE 'C10 H14 N5 O7 P'
DT DNA linking THYMIDINE-5'-MONOPHOSPHATE 'C10 H15 N2 O8 P'
EDO non-polymer 1,2-ETHANEDIOL 'C2 H6 O2'
ZN non-polymer 'ZINC ION' 'Zn 2'
#
# COMPACT_ATOMS: atom_id res chain seq x y z
N SER A 1 -2.43 -19.83 0.88
CA SER A 1 -2.21 -20.09 2.29
C SER A 1 -1.14 -19.16 2.84
N ASP A 2 0.02 -19.10 2.17
CA ASP A 2 1.01 -18.09 2.52
C ASP A 2 0.38 -16.71 2.56
N LYS A 3 -0.47 -16.40 1.58
CA LYS A 3 -1.23 -15.16 1.61
C LYS A 3 -2.12 -15.07 2.84
N GLN A 4 -2.85 -16.15 3.14
CA GLN A 4 -3.72 -16.17 4.31
C GLN A 4 -2.91 -16.11 5.60
N LYS A 5 -1.77 -16.80 5.64
CA LYS A 5 -0.87 -16.67 6.79
C LYS A 5 -0.48 -15.22 7.00
N ALA A 6 0.00 -14.55 5.95
CA ALA A 6 0.44 -13.17 6.08
C ALA A 6 -0.70 -12.28 6.55
N ILE A 7 -1.90 -12.50 6.00
CA ILE A 7 -3.04 -11.67 6.35
C ILE A 7 -3.45 -11.89 7.80
N ASN A 8 -3.42 -13.14 8.28
CA ASN A 8 -3.77 -13.39 9.69
C ASN A 8 -2.74 -12.76 10.62
N TYR A 9 -1.46 -12.84 10.26
CA TYR A 9 -0.42 -12.18 11.06
C TYR A 9 -0.68 -10.67 11.15
N LEU A 10 -0.98 -10.06 9.99
CA LEU A 10 -1.36 -8.66 9.98
C LEU A 10 -2.62 -8.40 10.81
N MET A 11 -3.55 -9.35 10.81
CA MET A 11 -4.81 -9.15 11.52
C MET A 11 -4.61 -9.16 13.02
N GLN A 12 -3.73 -10.03 13.51
CA GLN A 12 -3.40 -9.99 14.93
C GLN A 12 -2.78 -8.66 15.30
N PHE A 13 -1.83 -8.18 14.48
CA PHE A 13 -1.27 -6.84 14.72
C PHE A 13 -2.37 -5.78 14.74
N ALA A 14 -3.28 -5.85 13.77
CA ALA A 14 -4.32 -4.83 13.64
C ALA A 14 -5.25 -4.82 14.84
N HIS A 15 -5.69 -6.01 15.28
CA HIS A 15 -6.50 -6.07 16.49
C HIS A 15 -5.75 -5.49 17.68
N LYS A 16 -4.47 -5.81 17.81
CA LYS A 16 -3.69 -5.30 18.94
C LYS A 16 -3.68 -3.78 18.97
N VAL A 17 -3.43 -3.15 17.82
CA VAL A 17 -3.27 -1.69 17.78
C VAL A 17 -4.58 -0.95 17.51
N SER A 18 -5.69 -1.67 17.27
CA SER A 18 -6.92 -1.02 16.86
C SER A 18 -7.44 -0.04 17.89
N GLY A 19 -7.20 -0.32 19.18
CA GLY A 19 -7.69 0.55 20.23
C GLY A 19 -7.22 1.99 20.10
N LYS A 20 -6.16 2.23 19.35
CA LYS A 20 -5.55 3.56 19.25
C LYS A 20 -6.16 4.41 18.13
N TYR A 21 -7.14 3.90 17.39
CA TYR A 21 -7.67 4.59 16.21
C TYR A 21 -9.17 4.78 16.37
N ARG A 22 -9.59 6.04 16.47
CA ARG A 22 -10.97 6.37 16.85
C ARG A 22 -11.99 5.77 15.90
N GLY A 23 -11.63 5.60 14.62
CA GLY A 23 -12.59 5.09 13.65
C GLY A 23 -12.91 3.62 13.80
N VAL A 24 -12.00 2.85 14.41
CA VAL A 24 -12.19 1.41 14.54
C VAL A 24 -12.43 0.99 15.98
N ALA A 25 -11.80 1.67 16.96
CA ALA A 25 -11.96 1.28 18.36
C ALA A 25 -13.43 1.28 18.77
N LYS A 26 -14.24 2.16 18.18
CA LYS A 26 -15.66 2.28 18.51
C LYS A 26 -16.51 1.18 17.87
N LEU A 27 -15.98 0.42 16.92
CA LEU A 27 -16.79 -0.49 16.12
C LEU A 27 -17.13 -1.76 16.88
N GLU A 28 -18.25 -2.37 16.50
CA GLU A 28 -18.69 -3.61 17.11
C GLU A 28 -17.82 -4.78 16.64
N GLY A 29 -17.72 -5.80 17.48
CA GLY A 29 -16.88 -6.95 17.24
C GLY A 29 -16.82 -7.45 15.82
N ASN A 30 -17.96 -7.88 15.25
CA ASN A 30 -17.94 -8.50 13.94
C ASN A 30 -17.65 -7.48 12.84
N THR A 31 -18.34 -6.33 12.88
CA THR A 31 -18.03 -5.28 11.93
C THR A 31 -16.58 -4.85 12.04
N LYS A 32 -16.07 -4.74 13.27
CA LYS A 32 -14.68 -4.35 13.46
C LYS A 32 -13.75 -5.37 12.84
N ALA A 33 -14.01 -6.66 13.05
CA ALA A 33 -13.18 -7.70 12.47
C ALA A 33 -13.19 -7.63 10.95
N LYS A 34 -14.37 -7.37 10.36
CA LYS A 34 -14.44 -7.32 8.90
C LYS A 34 -13.73 -6.09 8.35
N VAL A 35 -13.84 -4.95 9.04
CA VAL A 35 -13.13 -3.75 8.62
C VAL A 35 -11.62 -3.99 8.68
N LEU A 36 -11.15 -4.64 9.75
CA LEU A 36 -9.72 -4.94 9.84
C LEU A 36 -9.29 -5.91 8.75
N GLN A 37 -10.16 -6.88 8.42
CA GLN A 37 -9.84 -7.81 7.34
C GLN A 37 -9.68 -7.06 6.02
N VAL A 38 -10.57 -6.12 5.73
CA VAL A 38 -10.42 -5.30 4.53
C VAL A 38 -9.09 -4.55 4.56
N LEU A 39 -8.81 -3.87 5.68
CA LEU A 39 -7.62 -3.04 5.74
C LEU A 39 -6.35 -3.88 5.55
N ALA A 40 -6.28 -5.04 6.21
CA ALA A 40 -5.10 -5.88 6.10
C ALA A 40 -4.97 -6.48 4.71
N THR A 41 -6.08 -6.94 4.13
CA THR A 41 -6.01 -7.53 2.80
C THR A 41 -5.54 -6.53 1.77
N PHE A 42 -6.08 -5.30 1.82
CA PHE A 42 -5.66 -4.28 0.87
C PHE A 42 -4.23 -3.82 1.11
N ALA A 43 -3.82 -3.68 2.37
CA ALA A 43 -2.44 -3.28 2.63
C ALA A 43 -1.47 -4.32 2.10
N TYR A 44 -1.75 -5.61 2.35
CA TYR A 44 -0.87 -6.65 1.85
C TYR A 44 -0.89 -6.70 0.32
N ALA A 45 -2.05 -6.50 -0.30
CA ALA A 45 -2.11 -6.47 -1.76
C ALA A 45 -1.24 -5.35 -2.33
N ASP A 46 -1.30 -4.17 -1.71
CA ASP A 46 -0.45 -3.07 -2.15
C ASP A 46 1.03 -3.41 -1.97
N TYR A 47 1.36 -4.06 -0.85
CA TYR A 47 2.74 -4.41 -0.58
C TYR A 47 3.29 -5.37 -1.64
N CYS A 48 2.44 -6.28 -2.14
CA CYS A 48 2.86 -7.29 -3.10
C CYS A 48 2.87 -6.78 -4.54
N ARG A 49 2.46 -5.55 -4.80
CA ARG A 49 2.40 -5.05 -6.16
C ARG A 49 3.79 -4.91 -6.75
N SER A 50 3.90 -5.19 -8.05
CA SER A 50 5.13 -5.00 -8.80
C SER A 50 4.77 -4.75 -10.26
N ALA A 51 5.81 -4.61 -11.09
CA ALA A 51 5.59 -4.42 -12.52
C ALA A 51 4.89 -5.62 -13.16
N ALA A 52 4.95 -6.79 -12.53
CA ALA A 52 4.24 -7.95 -13.08
C ALA A 52 2.76 -7.93 -12.73
N THR A 53 2.35 -7.09 -11.79
CA THR A 53 0.94 -6.96 -11.47
C THR A 53 0.18 -6.46 -12.70
N PRO A 54 -0.92 -7.10 -13.10
CA PRO A 54 -1.62 -6.66 -14.32
C PRO A 54 -1.99 -5.19 -14.25
N GLY A 55 -1.60 -4.45 -15.28
CA GLY A 55 -1.95 -3.05 -15.39
C GLY A 55 -1.00 -2.09 -14.70
N ALA A 56 -0.06 -2.59 -13.89
CA ALA A 56 0.74 -1.73 -13.03
C ALA A 56 2.01 -1.20 -13.68
N ARG A 57 2.51 -1.83 -14.73
CA ARG A 57 3.84 -1.51 -15.23
C ARG A 57 3.90 -0.11 -15.83
N CYS A 58 4.88 0.68 -15.41
CA CYS A 58 5.03 2.04 -15.94
C CYS A 58 5.20 2.01 -17.46
N ARG A 59 4.43 2.84 -18.14
CA ARG A 59 4.41 2.85 -19.59
C ARG A 59 5.68 3.47 -20.17
N ASP A 60 6.33 4.38 -19.44
CA ASP A 60 7.46 5.11 -20.02
C ASP A 60 8.78 4.38 -19.82
N CYS A 61 8.99 3.72 -18.68
CA CYS A 61 10.22 2.99 -18.42
C CYS A 61 10.06 1.48 -18.50
N HIS A 62 8.85 0.98 -18.71
CA HIS A 62 8.58 -0.45 -18.82
C HIS A 62 9.07 -1.23 -17.60
N GLY A 63 9.13 -0.59 -16.44
CA GLY A 63 9.40 -1.27 -15.19
C GLY A 63 10.78 -1.04 -14.62
N THR A 64 11.70 -0.46 -15.38
CA THR A 64 13.05 -0.24 -14.85
C THR A 64 13.08 0.88 -13.84
N GLY A 65 12.13 1.82 -13.91
CA GLY A 65 12.17 3.00 -13.07
C GLY A 65 13.29 3.96 -13.38
N ARG A 66 13.92 3.86 -14.56
CA ARG A 66 15.07 4.66 -14.91
C ARG A 66 14.89 5.32 -16.27
N ALA A 67 15.50 6.49 -16.43
CA ALA A 67 15.46 7.21 -17.70
C ALA A 67 16.66 8.14 -17.77
N VAL A 68 17.20 8.32 -18.97
CA VAL A 68 18.38 9.15 -19.13
C VAL A 68 18.06 10.60 -18.80
N ASP A 69 18.94 11.23 -18.04
CA ASP A 69 18.86 12.66 -17.74
C ASP A 69 19.68 13.40 -18.80
N ILE A 70 18.99 14.01 -19.76
CA ILE A 70 19.68 14.53 -20.93
C ILE A 70 20.53 15.74 -20.58
N ALA A 71 20.03 16.61 -19.69
CA ALA A 71 20.81 17.78 -19.29
C ALA A 71 22.10 17.37 -18.60
N LYS A 72 22.00 16.44 -17.64
CA LYS A 72 23.19 15.97 -16.95
C LYS A 72 24.10 15.21 -17.90
N THR A 73 23.53 14.40 -18.80
CA THR A 73 24.36 13.70 -19.78
C THR A 73 25.16 14.70 -20.60
N LYS A 74 24.52 15.79 -21.03
CA LYS A 74 25.22 16.75 -21.88
C LYS A 74 26.30 17.50 -21.11
N LEU A 75 26.06 17.82 -19.85
CA LEU A 75 27.03 18.65 -19.13
C LEU A 75 28.08 17.87 -18.34
N TRP A 76 27.87 16.57 -18.11
CA TRP A 76 28.77 15.76 -17.31
C TRP A 76 29.70 14.86 -18.13
N GLY A 77 29.54 14.81 -19.46
CA GLY A 77 30.46 14.05 -20.28
C GLY A 77 30.29 12.55 -20.22
N ARG A 78 29.16 12.07 -19.70
CA ARG A 78 28.85 10.65 -19.68
C ARG A 78 27.34 10.52 -19.62
N VAL A 79 26.83 9.34 -19.97
CA VAL A 79 25.38 9.14 -19.91
C VAL A 79 24.97 8.99 -18.45
N VAL A 80 24.12 9.90 -17.99
CA VAL A 80 23.63 9.90 -16.62
C VAL A 80 22.15 9.55 -16.65
N GLU A 81 21.73 8.67 -15.74
N GLU A 81 21.73 8.66 -15.73
CA GLU A 81 20.33 8.30 -15.62
CA GLU A 81 20.34 8.28 -15.59
C GLU A 81 19.75 8.83 -14.31
C GLU A 81 19.76 8.86 -14.31
N LYS A 82 18.45 9.13 -14.35
CA LYS A 82 17.67 9.60 -13.23
C LYS A 82 16.51 8.63 -13.02
N GLU A 83 15.76 8.88 -11.95
CA GLU A 83 14.50 8.19 -11.74
C GLU A 83 13.51 8.55 -12.83
N CYS A 84 12.81 7.54 -13.34
CA CYS A 84 11.78 7.79 -14.33
C CYS A 84 10.74 8.76 -13.77
N GLY A 85 10.49 9.83 -14.52
CA GLY A 85 9.61 10.88 -14.04
C GLY A 85 8.16 10.44 -13.88
N ARG A 86 7.70 9.53 -14.73
CA ARG A 86 6.30 9.16 -14.72
C ARG A 86 5.95 8.33 -13.49
N CYS A 87 6.84 7.41 -13.11
CA CYS A 87 6.62 6.52 -11.99
C CYS A 87 7.48 6.87 -10.79
N LYS A 88 8.17 8.00 -10.83
CA LYS A 88 9.03 8.44 -9.72
C LYS A 88 9.97 7.33 -9.27
N GLY A 89 10.45 6.55 -10.23
CA GLY A 89 11.51 5.58 -9.98
C GLY A 89 11.05 4.23 -9.50
N VAL A 90 9.75 4.02 -9.29
CA VAL A 90 9.27 2.74 -8.77
C VAL A 90 9.19 1.70 -9.88
N GLY A 91 8.83 2.10 -11.10
CA GLY A 91 8.64 1.17 -12.19
C GLY A 91 7.22 0.64 -12.33
N TYR A 92 6.35 0.94 -11.38
CA TYR A 92 4.97 0.46 -11.41
C TYR A 92 4.15 1.34 -10.50
N SER A 93 2.83 1.30 -10.70
CA SER A 93 1.92 2.14 -9.94
C SER A 93 1.50 1.46 -8.64
N ARG A 94 1.24 2.28 -7.63
CA ARG A 94 0.75 1.82 -6.34
C ARG A 94 -0.79 1.71 -6.37
N MET A 95 -1.32 1.01 -5.37
CA MET A 95 -2.76 1.03 -5.12
C MET A 95 -3.04 2.14 -4.12
N PRO A 96 -3.77 3.19 -4.48
CA PRO A 96 -4.04 4.26 -3.52
C PRO A 96 -4.91 3.77 -2.37
N ALA A 97 -4.75 4.42 -1.21
CA ALA A 97 -5.59 4.10 -0.06
C ALA A 97 -7.07 4.28 -0.36
N SER A 98 -7.41 5.09 -1.37
CA SER A 98 -8.80 5.32 -1.71
C SER A 98 -9.53 4.03 -2.06
N ALA A 99 -8.80 3.02 -2.57
CA ALA A 99 -9.43 1.74 -2.88
C ALA A 99 -9.89 1.04 -1.60
N ALA A 100 -9.03 1.02 -0.59
CA ALA A 100 -9.42 0.47 0.70
C ALA A 100 -10.54 1.29 1.33
N TYR A 101 -10.51 2.62 1.17
CA TYR A 101 -11.59 3.45 1.68
C TYR A 101 -12.93 3.02 1.08
N ARG A 102 -12.98 2.93 -0.24
CA ARG A 102 -14.23 2.56 -0.89
C ARG A 102 -14.66 1.16 -0.45
N ALA A 103 -13.70 0.24 -0.31
CA ALA A 103 -14.03 -1.09 0.18
C ALA A 103 -14.66 -1.02 1.57
N VAL A 104 -14.14 -0.14 2.43
CA VAL A 104 -14.62 -0.04 3.80
C VAL A 104 -15.99 0.60 3.84
N THR A 105 -16.32 1.48 2.89
CA THR A 105 -17.64 2.10 2.94
C THR A 105 -18.76 1.07 2.81
N MET A 106 -18.47 -0.12 2.28
CA MET A 106 -19.48 -1.18 2.25
C MET A 106 -19.82 -1.69 3.64
N LEU A 107 -18.95 -1.43 4.62
CA LEU A 107 -19.20 -1.82 6.00
C LEU A 107 -19.55 -0.65 6.90
N ILE A 108 -19.15 0.57 6.53
CA ILE A 108 -19.48 1.78 7.27
C ILE A 108 -20.05 2.78 6.26
N PRO A 109 -21.33 2.65 5.91
CA PRO A 109 -21.84 3.42 4.76
C PRO A 109 -21.71 4.93 4.90
N ASN A 110 -21.72 5.45 6.13
CA ASN A 110 -21.65 6.89 6.36
C ASN A 110 -20.23 7.42 6.50
N LEU A 111 -19.22 6.60 6.25
CA LEU A 111 -17.84 7.05 6.38
C LEU A 111 -17.49 8.01 5.25
N THR A 112 -17.17 9.25 5.61
CA THR A 112 -16.75 10.23 4.63
C THR A 112 -15.22 10.19 4.47
N GLN A 113 -14.75 10.79 3.38
CA GLN A 113 -13.32 10.75 3.09
C GLN A 113 -12.51 11.52 4.11
N PRO A 114 -12.96 12.71 4.56
CA PRO A 114 -12.18 13.42 5.59
C PRO A 114 -12.09 12.64 6.90
N THR A 115 -13.19 12.04 7.33
CA THR A 115 -13.17 11.25 8.55
C THR A 115 -12.35 9.98 8.38
N TRP A 116 -12.39 9.37 7.20
CA TRP A 116 -11.46 8.28 6.88
C TRP A 116 -10.02 8.76 7.02
N SER A 117 -9.71 9.92 6.44
CA SER A 117 -8.35 10.44 6.49
C SER A 117 -7.89 10.63 7.93
N ARG A 118 -8.78 11.10 8.79
CA ARG A 118 -8.38 11.40 10.17
C ARG A 118 -8.33 10.15 11.05
N THR A 119 -9.33 9.27 10.95
CA THR A 119 -9.59 8.29 12.00
C THR A 119 -9.44 6.83 11.59
N VAL A 120 -9.21 6.51 10.31
CA VAL A 120 -9.09 5.12 9.89
C VAL A 120 -7.85 4.93 9.03
N LYS A 121 -7.63 5.83 8.08
CA LYS A 121 -6.47 5.70 7.21
C LYS A 121 -5.17 5.54 7.97
N PRO A 122 -4.94 6.19 9.12
CA PRO A 122 -3.68 5.95 9.84
C PRO A 122 -3.46 4.49 10.18
N LEU A 123 -4.52 3.75 10.50
CA LEU A 123 -4.37 2.31 10.74
C LEU A 123 -3.96 1.57 9.46
N TYR A 124 -4.58 1.91 8.34
CA TYR A 124 -4.18 1.32 7.05
C TYR A 124 -2.71 1.58 6.77
N ASP A 125 -2.28 2.84 6.91
CA ASP A 125 -0.88 3.20 6.66
C ASP A 125 0.04 2.43 7.61
N ALA A 126 -0.38 2.27 8.86
CA ALA A 126 0.42 1.49 9.81
C ALA A 126 0.54 0.03 9.38
N LEU A 127 -0.51 -0.52 8.76
CA LEU A 127 -0.41 -1.90 8.29
C LEU A 127 0.54 -2.01 7.11
N VAL A 128 0.54 -1.02 6.23
CA VAL A 128 1.51 -0.99 5.14
C VAL A 128 2.93 -0.94 5.71
N VAL A 129 3.16 -0.03 6.66
CA VAL A 129 4.46 0.05 7.32
C VAL A 129 4.82 -1.30 7.92
N GLN A 130 3.88 -1.97 8.59
CA GLN A 130 4.17 -3.23 9.23
C GLN A 130 4.58 -4.28 8.22
N CYS A 131 3.94 -4.29 7.05
CA CYS A 131 4.39 -5.15 5.96
C CYS A 131 5.87 -4.92 5.66
N HIS A 132 6.26 -3.64 5.54
CA HIS A 132 7.67 -3.37 5.25
C HIS A 132 8.58 -3.75 6.42
N LYS A 133 8.10 -3.62 7.65
CA LYS A 133 8.95 -3.80 8.83
C LYS A 133 9.22 -5.28 9.10
N GLU A 134 8.29 -6.16 8.79
CA GLU A 134 8.38 -7.57 9.13
C GLU A 134 8.96 -8.34 7.96
N GLU A 135 10.19 -8.85 8.12
CA GLU A 135 10.79 -9.72 7.12
C GLU A 135 9.93 -10.93 6.83
N SER A 136 9.23 -11.45 7.85
CA SER A 136 8.40 -12.63 7.66
CA SER A 136 8.41 -12.64 7.65
C SER A 136 7.24 -12.39 6.71
N ILE A 137 6.88 -11.12 6.48
CA ILE A 137 5.82 -10.78 5.53
C ILE A 137 6.48 -10.58 4.18
N ALA A 138 6.26 -11.52 3.27
CA ALA A 138 6.99 -11.57 2.00
C ALA A 138 6.22 -10.86 0.90
N ASP A 139 6.94 -10.07 0.11
CA ASP A 139 6.34 -9.31 -0.99
C ASP A 139 6.20 -10.14 -2.26
N ASN A 140 6.83 -11.32 -2.33
CA ASN A 140 6.72 -12.21 -3.48
C ASN A 140 5.76 -13.36 -3.22
N ILE A 141 5.48 -13.71 -1.97
CA ILE A 141 4.55 -14.77 -1.65
C ILE A 141 3.16 -14.43 -2.18
ZN ZN D . 8.54 4.70 -15.05
C1 EDO E . -7.96 -6.43 -3.21
O1 EDO E . -7.20 -7.58 -2.83
C2 EDO E . -7.02 -5.31 -3.63
O2 EDO E . -6.33 -5.67 -4.82
H11 EDO E . -8.62 -6.68 -4.04
H12 EDO E . -8.58 -6.10 -2.37
HO1 EDO E . -7.80 -8.31 -2.62
H21 EDO E . -7.60 -4.40 -3.80
H22 EDO E . -6.31 -5.11 -2.83
HO2 EDO E . -5.72 -4.97 -5.08
C1 EDO F . 28.27 5.78 -20.53
O1 EDO F . 28.32 7.20 -20.67
C2 EDO F . 27.80 5.15 -21.83
O2 EDO F . 28.59 5.65 -22.91
H11 EDO F . 29.26 5.39 -20.26
H12 EDO F . 27.58 5.51 -19.72
HO1 EDO F . 28.75 7.59 -19.89
H21 EDO F . 27.90 4.06 -21.78
H22 EDO F . 26.75 5.38 -22.00
HO2 EDO F . 28.29 5.26 -23.75
C1 EDO G . 30.10 13.34 -11.89
O1 EDO G . 29.43 12.12 -11.56
C2 EDO G . 31.10 13.06 -12.99
O2 EDO G . 30.40 12.74 -14.19
H11 EDO G . 29.37 14.09 -12.23
H12 EDO G . 30.61 13.74 -11.01
HO1 EDO G . 28.77 12.29 -10.88
H21 EDO G . 31.74 13.93 -13.15
H22 EDO G . 31.74 12.22 -12.71
HO2 EDO G . 31.02 12.58 -14.91
C1 EDO H . -16.99 -12.80 2.82
O1 EDO H . -18.14 -12.47 3.61
C2 EDO H . -17.19 -14.16 2.17
O2 EDO H . -18.15 -14.06 1.10
H11 EDO H . -16.84 -12.04 2.05
H12 EDO H . -16.10 -12.82 3.45
HO1 EDO H . -17.99 -11.62 4.05
H21 EDO H . -16.24 -14.53 1.76
H22 EDO H . -17.53 -14.89 2.91
HO2 EDO H . -18.23 -14.92 0.65
#